data_5EV4
#
_entry.id   5EV4
#
_cell.length_a   43.502
_cell.length_b   63.411
_cell.length_c   77.662
_cell.angle_alpha   90.000
_cell.angle_beta   90.000
_cell.angle_gamma   90.000
#
_symmetry.space_group_name_H-M   'P 21 21 21'
#
loop_
_entity.id
_entity.type
_entity.pdbx_description
1 polymer 'Splicing factor U2AF 65 kDa subunit'
2 polymer "DNA/RNA (5'-R(P*UP*UP*UP*(UD)P*UP*U)-D(P*(BRU)P*(UD))-R(P*C)-3')"
3 non-polymer GLYCEROL
4 water water
#
loop_
_entity_poly.entity_id
_entity_poly.type
_entity_poly.pdbx_seq_one_letter_code
_entity_poly.pdbx_strand_id
1 'polypeptide(L)'
;GSQMTRQARRLYVGNIPFGITEEAMMDFFNAQMRLGGLTQAPGNPVLAVQINQDKNFAFLEFRSVDETTQAMAFDGIIFQ
GQSLKIRRPHDYQPLPGMSENPSVYVPGVVSTVVPDSAHKLFIGGLPNYLNDDQVKELLTSFGPLKAFNLVKDSATGLSK
GYAFCEYVDINVTDQAIAGLNGMQLGDKKLLVQRASVGAKN
;
A
2 'polydeoxyribonucleotide/polyribonucleotide hybrid' UUU(DU)UU(BRU)(DU)C B
#
# COMPACT_ATOMS: atom_id res chain seq x y z
N MET A 4 24.21 -6.72 -14.68
CA MET A 4 23.94 -6.81 -13.25
C MET A 4 22.47 -7.15 -12.98
N THR A 5 22.22 -7.98 -11.98
CA THR A 5 20.88 -8.22 -11.49
C THR A 5 20.36 -7.08 -10.63
N ARG A 6 21.02 -5.92 -10.64
CA ARG A 6 20.78 -4.93 -9.59
C ARG A 6 19.37 -4.35 -9.68
N GLN A 7 18.85 -4.11 -10.88
CA GLN A 7 17.49 -3.58 -10.94
C GLN A 7 16.46 -4.65 -10.59
N ALA A 8 16.86 -5.92 -10.60
CA ALA A 8 16.00 -6.99 -10.11
C ALA A 8 16.19 -7.25 -8.63
N ARG A 9 16.99 -6.42 -7.94
CA ARG A 9 17.18 -6.50 -6.50
C ARG A 9 16.80 -5.19 -5.81
N ARG A 10 16.03 -4.33 -6.48
CA ARG A 10 15.67 -3.05 -5.90
C ARG A 10 14.17 -2.87 -6.00
N LEU A 11 13.60 -2.20 -5.00
CA LEU A 11 12.16 -1.90 -5.00
C LEU A 11 11.95 -0.46 -4.60
N TYR A 12 11.03 0.20 -5.31
CA TYR A 12 10.49 1.48 -4.90
C TYR A 12 9.51 1.32 -3.74
N VAL A 13 9.62 2.22 -2.75
CA VAL A 13 8.70 2.30 -1.62
C VAL A 13 8.21 3.73 -1.52
N GLY A 14 6.92 3.95 -1.79
CA GLY A 14 6.33 5.26 -1.71
C GLY A 14 5.48 5.46 -0.46
N ASN A 15 5.14 6.73 -0.21
CA ASN A 15 4.26 7.11 0.89
C ASN A 15 4.90 6.76 2.23
N ILE A 16 6.21 6.97 2.33
CA ILE A 16 6.92 6.60 3.56
C ILE A 16 6.61 7.61 4.65
N PRO A 17 6.71 7.22 5.93
CA PRO A 17 6.42 8.19 7.00
C PRO A 17 7.44 9.32 6.99
N PHE A 18 6.96 10.51 7.36
CA PHE A 18 7.84 11.66 7.42
C PHE A 18 8.92 11.44 8.48
N GLY A 19 10.14 11.86 8.16
CA GLY A 19 11.23 11.80 9.12
C GLY A 19 11.80 10.43 9.35
N ILE A 20 11.38 9.43 8.59
CA ILE A 20 11.86 8.07 8.79
C ILE A 20 13.31 7.98 8.38
N THR A 21 14.10 7.26 9.16
CA THR A 21 15.50 7.06 8.82
C THR A 21 15.67 5.83 7.95
N GLU A 22 16.77 5.81 7.21
CA GLU A 22 17.11 4.66 6.39
C GLU A 22 17.24 3.41 7.25
N GLU A 23 17.81 3.55 8.45
CA GLU A 23 18.04 2.38 9.29
C GLU A 23 16.71 1.83 9.82
N ALA A 24 15.78 2.70 10.21
CA ALA A 24 14.49 2.25 10.69
C ALA A 24 13.73 1.51 9.59
N MET A 25 13.82 2.00 8.36
CA MET A 25 13.18 1.32 7.24
C MET A 25 13.79 -0.05 7.02
N MET A 26 15.12 -0.11 7.02
CA MET A 26 15.81 -1.39 6.86
C MET A 26 15.41 -2.38 7.95
N ASP A 27 15.43 -1.95 9.23
CA ASP A 27 15.05 -2.85 10.32
C ASP A 27 13.63 -3.36 10.14
N PHE A 28 12.73 -2.47 9.69
CA PHE A 28 11.34 -2.86 9.54
C PHE A 28 11.21 -3.98 8.51
N PHE A 29 11.81 -3.79 7.35
CA PHE A 29 11.65 -4.77 6.29
C PHE A 29 12.40 -6.05 6.58
N ASN A 30 13.60 -5.94 7.18
CA ASN A 30 14.32 -7.17 7.53
C ASN A 30 13.53 -8.00 8.55
N ALA A 31 12.93 -7.35 9.54
CA ALA A 31 12.13 -8.05 10.52
C ALA A 31 10.86 -8.61 9.90
N GLN A 32 10.15 -7.81 9.11
CA GLN A 32 8.93 -8.32 8.48
C GLN A 32 9.22 -9.52 7.59
N MET A 33 10.31 -9.47 6.82
CA MET A 33 10.65 -10.59 5.95
C MET A 33 10.87 -11.86 6.75
N ARG A 34 11.59 -11.75 7.86
CA ARG A 34 11.83 -12.92 8.72
C ARG A 34 10.54 -13.38 9.39
N LEU A 35 9.78 -12.45 9.96
CA LEU A 35 8.55 -12.80 10.66
C LEU A 35 7.52 -13.43 9.73
N GLY A 36 7.50 -13.02 8.47
CA GLY A 36 6.54 -13.53 7.50
C GLY A 36 6.96 -14.81 6.84
N GLY A 37 8.15 -15.30 7.15
CA GLY A 37 8.69 -16.48 6.50
C GLY A 37 9.14 -16.29 5.07
N LEU A 38 9.47 -15.06 4.69
CA LEU A 38 9.90 -14.79 3.33
C LEU A 38 11.41 -14.86 3.15
N THR A 39 12.18 -14.74 4.22
CA THR A 39 13.64 -14.72 4.11
C THR A 39 14.15 -16.12 3.80
N GLN A 40 15.15 -16.20 2.90
CA GLN A 40 15.52 -17.46 2.28
C GLN A 40 16.88 -17.96 2.72
N ALA A 41 17.48 -17.32 3.72
CA ALA A 41 18.74 -17.75 4.32
C ALA A 41 18.97 -16.97 5.61
N PRO A 42 19.92 -17.40 6.44
CA PRO A 42 20.32 -16.57 7.57
C PRO A 42 20.80 -15.21 7.10
N GLY A 43 20.70 -14.21 7.99
CA GLY A 43 21.17 -12.87 7.71
C GLY A 43 20.09 -12.01 7.06
N ASN A 44 20.42 -10.74 6.89
CA ASN A 44 19.44 -9.74 6.43
C ASN A 44 19.23 -9.84 4.92
N PRO A 45 17.98 -9.88 4.46
CA PRO A 45 17.74 -9.80 3.02
C PRO A 45 17.90 -8.39 2.47
N VAL A 46 17.64 -7.35 3.27
CA VAL A 46 17.77 -5.97 2.81
C VAL A 46 19.16 -5.46 3.19
N LEU A 47 19.93 -5.11 2.17
CA LEU A 47 21.28 -4.56 2.32
C LEU A 47 21.34 -3.07 2.55
N ALA A 48 20.50 -2.28 1.87
CA ALA A 48 20.55 -0.84 1.99
C ALA A 48 19.20 -0.24 1.65
N VAL A 49 19.00 0.99 2.12
CA VAL A 49 17.82 1.81 1.84
C VAL A 49 18.28 3.23 1.53
N GLN A 50 17.82 3.79 0.41
CA GLN A 50 18.04 5.19 0.07
C GLN A 50 16.73 5.93 0.15
N ILE A 51 16.65 6.93 1.01
CA ILE A 51 15.47 7.77 1.17
C ILE A 51 15.70 9.10 0.49
N ASN A 52 14.73 9.51 -0.32
CA ASN A 52 14.60 10.90 -0.76
C ASN A 52 13.52 11.51 0.12
N GLN A 53 13.93 12.21 1.19
CA GLN A 53 12.94 12.72 2.15
C GLN A 53 12.08 13.79 1.51
N ASP A 54 12.67 14.61 0.65
CA ASP A 54 11.95 15.70 0.00
C ASP A 54 10.82 15.17 -0.87
N LYS A 55 11.08 14.12 -1.64
CA LYS A 55 10.11 13.57 -2.58
C LYS A 55 9.29 12.42 -1.99
N ASN A 56 9.62 11.97 -0.78
CA ASN A 56 8.75 11.06 -0.03
C ASN A 56 8.81 9.64 -0.57
N PHE A 57 9.96 9.18 -1.06
CA PHE A 57 10.06 7.77 -1.44
C PHE A 57 11.43 7.22 -1.05
N ALA A 58 11.49 5.89 -1.02
CA ALA A 58 12.73 5.18 -0.79
C ALA A 58 12.93 4.11 -1.85
N PHE A 59 14.16 3.66 -1.97
CA PHE A 59 14.49 2.45 -2.69
C PHE A 59 15.17 1.50 -1.73
N LEU A 60 14.69 0.26 -1.71
CA LEU A 60 15.31 -0.85 -0.98
C LEU A 60 16.21 -1.61 -1.94
N GLU A 61 17.36 -2.05 -1.45
CA GLU A 61 18.22 -2.94 -2.21
C GLU A 61 18.40 -4.24 -1.43
N PHE A 62 18.15 -5.36 -2.10
CA PHE A 62 18.15 -6.69 -1.50
C PHE A 62 19.38 -7.46 -1.96
N ARG A 63 19.72 -8.49 -1.19
CA ARG A 63 20.85 -9.34 -1.54
C ARG A 63 20.52 -10.37 -2.63
N SER A 64 19.24 -10.65 -2.90
CA SER A 64 18.88 -11.69 -3.86
C SER A 64 17.67 -11.27 -4.68
N VAL A 65 17.62 -11.79 -5.91
CA VAL A 65 16.51 -11.56 -6.82
C VAL A 65 15.23 -12.13 -6.23
N ASP A 66 15.30 -13.33 -5.66
CA ASP A 66 14.08 -14.00 -5.23
C ASP A 66 13.47 -13.32 -3.99
N GLU A 67 14.31 -12.85 -3.06
CA GLU A 67 13.76 -12.19 -1.88
C GLU A 67 13.15 -10.84 -2.26
N THR A 68 13.72 -10.17 -3.28
CA THR A 68 13.14 -8.94 -3.80
C THR A 68 11.71 -9.20 -4.31
N THR A 69 11.56 -10.25 -5.10
CA THR A 69 10.24 -10.60 -5.63
C THR A 69 9.25 -10.89 -4.51
N GLN A 70 9.66 -11.66 -3.50
CA GLN A 70 8.76 -12.00 -2.41
C GLN A 70 8.32 -10.75 -1.67
N ALA A 71 9.23 -9.76 -1.52
CA ALA A 71 8.92 -8.54 -0.80
C ALA A 71 7.84 -7.70 -1.50
N MET A 72 7.55 -7.95 -2.78
CA MET A 72 6.40 -7.30 -3.40
C MET A 72 5.09 -7.61 -2.69
N ALA A 73 5.04 -8.74 -1.98
CA ALA A 73 3.86 -9.09 -1.20
C ALA A 73 3.60 -8.13 -0.04
N PHE A 74 4.54 -7.23 0.30
CA PHE A 74 4.31 -6.26 1.36
C PHE A 74 3.60 -5.03 0.87
N ASP A 75 3.27 -4.92 -0.41
CA ASP A 75 2.58 -3.72 -0.86
C ASP A 75 1.34 -3.46 0.00
N GLY A 76 1.27 -2.25 0.53
CA GLY A 76 0.17 -1.82 1.37
C GLY A 76 0.39 -1.98 2.84
N ILE A 77 1.51 -2.58 3.24
CA ILE A 77 1.75 -2.77 4.67
C ILE A 77 1.74 -1.41 5.35
N ILE A 78 1.15 -1.35 6.56
CA ILE A 78 1.07 -0.13 7.33
C ILE A 78 2.35 0.03 8.14
N PHE A 79 2.97 1.20 8.02
CA PHE A 79 4.19 1.53 8.76
C PHE A 79 4.00 2.95 9.28
N GLN A 80 3.90 3.07 10.61
CA GLN A 80 3.66 4.38 11.25
C GLN A 80 2.44 5.07 10.64
N GLY A 81 1.37 4.30 10.46
CA GLY A 81 0.11 4.80 10.01
C GLY A 81 -0.07 4.88 8.51
N GLN A 82 0.98 4.66 7.74
CA GLN A 82 0.94 4.88 6.29
C GLN A 82 1.00 3.58 5.51
N SER A 83 0.22 3.51 4.42
CA SER A 83 0.26 2.38 3.49
C SER A 83 1.47 2.50 2.60
N LEU A 84 2.44 1.61 2.73
CA LEU A 84 3.61 1.70 1.87
C LEU A 84 3.28 1.19 0.48
N LYS A 85 3.62 1.98 -0.53
CA LYS A 85 3.42 1.61 -1.92
C LYS A 85 4.68 0.92 -2.43
N ILE A 86 4.64 -0.39 -2.61
CA ILE A 86 5.81 -1.14 -3.08
C ILE A 86 5.66 -1.44 -4.56
N ARG A 87 6.68 -1.07 -5.35
CA ARG A 87 6.63 -1.15 -6.80
C ARG A 87 7.99 -1.56 -7.34
N ARG A 88 7.97 -2.15 -8.52
CA ARG A 88 9.22 -2.39 -9.24
C ARG A 88 9.82 -1.07 -9.72
N PRO A 89 11.13 -0.99 -9.82
CA PRO A 89 11.74 0.10 -10.59
C PRO A 89 11.18 0.12 -12.00
N HIS A 90 11.01 1.32 -12.56
CA HIS A 90 10.39 1.43 -13.88
C HIS A 90 11.21 0.74 -14.97
N ASP A 91 12.54 0.64 -14.80
CA ASP A 91 13.36 -0.05 -15.79
C ASP A 91 13.58 -1.54 -15.46
N TYR A 92 12.87 -2.07 -14.48
CA TYR A 92 13.00 -3.49 -14.19
C TYR A 92 12.52 -4.33 -15.36
N GLN A 93 13.26 -5.38 -15.68
CA GLN A 93 12.83 -6.38 -16.64
C GLN A 93 13.09 -7.75 -16.01
N PRO A 94 12.09 -8.65 -16.01
CA PRO A 94 12.35 -10.00 -15.49
C PRO A 94 13.52 -10.67 -16.18
N LEU A 95 14.34 -11.33 -15.37
CA LEU A 95 15.41 -12.18 -15.86
C LEU A 95 14.83 -13.52 -16.33
N PRO A 96 15.51 -14.22 -17.23
CA PRO A 96 15.00 -15.53 -17.68
C PRO A 96 15.10 -16.55 -16.55
N GLY A 97 14.02 -17.31 -16.35
CA GLY A 97 13.97 -18.33 -15.33
C GLY A 97 13.66 -17.85 -13.93
N MET A 98 13.61 -16.53 -13.71
CA MET A 98 13.30 -15.97 -12.40
C MET A 98 11.86 -15.45 -12.41
N SER A 99 11.11 -15.76 -11.36
CA SER A 99 9.71 -15.35 -11.27
C SER A 99 9.59 -13.84 -11.08
N GLU A 100 8.51 -13.26 -11.62
CA GLU A 100 8.20 -11.84 -11.47
C GLU A 100 7.26 -11.53 -10.31
N ASN A 101 6.42 -12.47 -9.92
CA ASN A 101 5.41 -12.16 -8.93
C ASN A 101 5.63 -12.95 -7.64
N PRO A 102 5.27 -12.38 -6.49
CA PRO A 102 5.49 -13.06 -5.22
C PRO A 102 4.64 -14.31 -5.11
N SER A 103 5.18 -15.31 -4.39
CA SER A 103 4.51 -16.59 -4.23
C SER A 103 3.86 -16.76 -2.86
N VAL A 104 4.04 -15.80 -1.96
CA VAL A 104 3.52 -15.91 -0.61
C VAL A 104 2.52 -14.78 -0.38
N TYR A 105 1.67 -14.99 0.61
CA TYR A 105 0.73 -14.00 1.08
C TYR A 105 1.13 -13.61 2.50
N VAL A 106 1.05 -12.32 2.80
CA VAL A 106 1.39 -11.77 4.09
C VAL A 106 0.07 -11.46 4.81
N PRO A 107 -0.29 -12.19 5.86
CA PRO A 107 -1.61 -11.99 6.48
C PRO A 107 -1.83 -10.55 6.89
N GLY A 108 -3.01 -10.02 6.53
CA GLY A 108 -3.42 -8.72 6.99
C GLY A 108 -2.95 -7.56 6.13
N VAL A 109 -2.09 -7.82 5.17
CA VAL A 109 -1.59 -6.77 4.30
C VAL A 109 -2.54 -6.63 3.12
N VAL A 110 -2.99 -5.40 2.89
CA VAL A 110 -3.98 -5.06 1.87
C VAL A 110 -3.25 -4.30 0.76
N SER A 111 -3.29 -4.83 -0.45
CA SER A 111 -2.71 -4.19 -1.63
C SER A 111 -3.16 -2.74 -1.77
N THR A 112 -2.27 -1.90 -2.31
CA THR A 112 -2.64 -0.53 -2.67
C THR A 112 -3.08 -0.41 -4.10
N VAL A 113 -2.98 -1.48 -4.87
CA VAL A 113 -3.31 -1.45 -6.29
C VAL A 113 -4.81 -1.68 -6.42
N VAL A 114 -5.56 -0.63 -6.76
CA VAL A 114 -7.02 -0.72 -6.90
C VAL A 114 -7.37 -0.48 -8.36
N PRO A 115 -7.45 -1.51 -9.20
CA PRO A 115 -7.78 -1.26 -10.61
C PRO A 115 -9.23 -0.87 -10.76
N ASP A 116 -9.49 -0.03 -11.76
CA ASP A 116 -10.86 0.23 -12.14
C ASP A 116 -11.53 -1.12 -12.40
N SER A 117 -12.73 -1.26 -11.84
CA SER A 117 -13.47 -2.53 -11.91
C SER A 117 -14.90 -2.27 -11.47
N ALA A 118 -15.75 -3.29 -11.63
CA ALA A 118 -17.17 -3.13 -11.38
C ALA A 118 -17.47 -2.59 -9.99
N HIS A 119 -16.79 -3.13 -8.97
CA HIS A 119 -17.12 -2.80 -7.58
C HIS A 119 -16.05 -1.99 -6.88
N LYS A 120 -15.12 -1.42 -7.64
CA LYS A 120 -14.23 -0.42 -7.04
C LYS A 120 -15.06 0.74 -6.49
N LEU A 121 -14.78 1.12 -5.23
CA LEU A 121 -15.52 2.15 -4.51
C LEU A 121 -14.72 3.43 -4.42
N PHE A 122 -15.41 4.56 -4.56
CA PHE A 122 -14.91 5.88 -4.22
C PHE A 122 -15.51 6.29 -2.88
N ILE A 123 -14.66 6.84 -2.00
CA ILE A 123 -15.05 7.37 -0.69
C ILE A 123 -14.52 8.79 -0.58
N GLY A 124 -15.40 9.77 -0.69
CA GLY A 124 -14.96 11.15 -0.65
C GLY A 124 -15.47 11.90 0.55
N GLY A 125 -14.83 13.01 0.92
CA GLY A 125 -15.26 13.78 2.07
C GLY A 125 -14.71 13.33 3.41
N LEU A 126 -13.64 12.54 3.41
CA LEU A 126 -13.04 12.07 4.65
C LEU A 126 -12.33 13.22 5.38
N PRO A 127 -12.47 13.31 6.69
CA PRO A 127 -11.65 14.25 7.47
C PRO A 127 -10.16 14.09 7.16
N ASN A 128 -9.48 15.23 6.98
CA ASN A 128 -8.10 15.17 6.52
C ASN A 128 -7.11 14.74 7.60
N TYR A 129 -7.53 14.70 8.87
CA TYR A 129 -6.64 14.19 9.91
C TYR A 129 -6.62 12.66 9.99
N LEU A 130 -7.42 11.95 9.20
CA LEU A 130 -7.38 10.49 9.26
C LEU A 130 -6.24 9.98 8.41
N ASN A 131 -5.42 9.13 8.99
CA ASN A 131 -4.32 8.56 8.23
C ASN A 131 -4.81 7.30 7.50
N ASP A 132 -3.90 6.75 6.69
CA ASP A 132 -4.24 5.58 5.88
C ASP A 132 -4.81 4.47 6.73
N ASP A 133 -4.17 4.20 7.86
CA ASP A 133 -4.59 3.12 8.75
C ASP A 133 -6.00 3.34 9.26
N GLN A 134 -6.32 4.57 9.69
CA GLN A 134 -7.65 4.80 10.24
C GLN A 134 -8.74 4.72 9.18
N VAL A 135 -8.46 5.22 7.97
CA VAL A 135 -9.45 5.07 6.90
C VAL A 135 -9.60 3.59 6.53
N LYS A 136 -8.50 2.84 6.50
CA LYS A 136 -8.60 1.42 6.18
C LYS A 136 -9.43 0.71 7.23
N GLU A 137 -9.25 1.08 8.49
CA GLU A 137 -10.02 0.48 9.57
C GLU A 137 -11.51 0.78 9.41
N LEU A 138 -11.84 2.02 9.05
CA LEU A 138 -13.23 2.39 8.81
C LEU A 138 -13.85 1.47 7.78
N LEU A 139 -13.14 1.27 6.67
CA LEU A 139 -13.69 0.47 5.58
C LEU A 139 -13.72 -1.01 5.94
N THR A 140 -12.70 -1.48 6.65
CA THR A 140 -12.67 -2.89 7.00
CA THR A 140 -12.63 -2.89 7.05
C THR A 140 -13.75 -3.26 8.01
N SER A 141 -14.37 -2.29 8.68
CA SER A 141 -15.45 -2.65 9.58
C SER A 141 -16.59 -3.31 8.83
N PHE A 142 -16.75 -3.02 7.54
CA PHE A 142 -17.80 -3.65 6.75
C PHE A 142 -17.41 -5.03 6.23
N GLY A 143 -16.13 -5.27 6.04
CA GLY A 143 -15.65 -6.56 5.60
C GLY A 143 -14.22 -6.44 5.12
N PRO A 144 -13.55 -7.58 4.92
CA PRO A 144 -12.14 -7.55 4.55
C PRO A 144 -11.92 -6.92 3.19
N LEU A 145 -10.82 -6.18 3.08
CA LEU A 145 -10.48 -5.51 1.83
C LEU A 145 -9.52 -6.33 0.97
N LYS A 146 -9.73 -6.28 -0.34
CA LYS A 146 -8.79 -6.75 -1.33
C LYS A 146 -7.76 -5.69 -1.71
N ALA A 147 -8.17 -4.43 -1.70
CA ALA A 147 -7.26 -3.35 -2.08
C ALA A 147 -7.79 -2.03 -1.56
N PHE A 148 -6.89 -1.08 -1.33
CA PHE A 148 -7.23 0.22 -0.76
C PHE A 148 -6.12 1.23 -1.03
N ASN A 149 -6.51 2.45 -1.37
CA ASN A 149 -5.56 3.55 -1.36
C ASN A 149 -6.25 4.85 -0.97
N LEU A 150 -5.62 5.56 -0.04
CA LEU A 150 -6.03 6.91 0.35
C LEU A 150 -5.18 7.91 -0.42
N VAL A 151 -5.81 8.90 -1.05
CA VAL A 151 -5.09 9.81 -1.93
C VAL A 151 -4.49 10.94 -1.11
N LYS A 152 -3.18 11.14 -1.27
CA LYS A 152 -2.42 12.19 -0.63
C LYS A 152 -2.00 13.25 -1.64
N ASP A 153 -1.80 14.46 -1.14
CA ASP A 153 -1.12 15.49 -1.92
C ASP A 153 0.36 15.12 -2.02
N SER A 154 0.87 15.04 -3.25
CA SER A 154 2.22 14.56 -3.47
C SER A 154 3.27 15.59 -3.09
N ALA A 155 2.88 16.85 -2.92
CA ALA A 155 3.82 17.89 -2.50
C ALA A 155 3.86 18.06 -0.98
N THR A 156 2.72 17.99 -0.31
CA THR A 156 2.65 18.21 1.13
C THR A 156 2.56 16.92 1.93
N GLY A 157 2.18 15.81 1.30
CA GLY A 157 1.95 14.57 2.01
C GLY A 157 0.67 14.52 2.82
N LEU A 158 -0.19 15.54 2.74
CA LEU A 158 -1.43 15.57 3.48
C LEU A 158 -2.52 14.80 2.74
N SER A 159 -3.42 14.18 3.49
CA SER A 159 -4.58 13.55 2.89
C SER A 159 -5.44 14.54 2.11
N LYS A 160 -5.86 14.13 0.92
CA LYS A 160 -6.82 14.87 0.11
C LYS A 160 -8.27 14.51 0.43
N GLY A 161 -8.48 13.63 1.43
CA GLY A 161 -9.80 13.33 1.94
C GLY A 161 -10.64 12.44 1.06
N TYR A 162 -10.02 11.67 0.17
CA TYR A 162 -10.77 10.67 -0.57
C TYR A 162 -9.90 9.46 -0.84
N ALA A 163 -10.57 8.32 -0.99
CA ALA A 163 -9.93 7.02 -1.08
C ALA A 163 -10.71 6.13 -2.04
N PHE A 164 -10.05 5.06 -2.43
CA PHE A 164 -10.61 4.03 -3.31
C PHE A 164 -10.38 2.68 -2.66
N CYS A 165 -11.31 1.75 -2.87
CA CYS A 165 -11.09 0.43 -2.31
C CYS A 165 -11.87 -0.63 -3.08
N GLU A 166 -11.55 -1.87 -2.76
CA GLU A 166 -12.24 -3.03 -3.33
C GLU A 166 -12.35 -4.04 -2.21
N TYR A 167 -13.57 -4.49 -1.94
CA TYR A 167 -13.78 -5.52 -0.94
C TYR A 167 -13.50 -6.92 -1.51
N VAL A 168 -13.08 -7.82 -0.63
CA VAL A 168 -12.93 -9.21 -1.02
C VAL A 168 -14.25 -9.77 -1.53
N ASP A 169 -15.31 -9.53 -0.76
CA ASP A 169 -16.67 -9.95 -1.09
C ASP A 169 -17.36 -8.82 -1.85
N ILE A 170 -17.68 -9.04 -3.13
CA ILE A 170 -18.32 -7.96 -3.89
C ILE A 170 -19.60 -7.47 -3.23
N ASN A 171 -20.27 -8.32 -2.46
CA ASN A 171 -21.53 -7.94 -1.82
C ASN A 171 -21.35 -6.97 -0.66
N VAL A 172 -20.13 -6.84 -0.11
CA VAL A 172 -19.91 -5.87 0.94
C VAL A 172 -19.97 -4.46 0.38
N THR A 173 -19.72 -4.30 -0.93
CA THR A 173 -19.71 -2.97 -1.53
C THR A 173 -20.98 -2.19 -1.19
N ASP A 174 -22.14 -2.79 -1.40
CA ASP A 174 -23.39 -2.08 -1.17
C ASP A 174 -23.65 -1.89 0.32
N GLN A 175 -23.11 -2.77 1.16
CA GLN A 175 -23.23 -2.56 2.60
C GLN A 175 -22.44 -1.33 3.04
N ALA A 176 -21.23 -1.15 2.53
CA ALA A 176 -20.45 0.03 2.84
C ALA A 176 -21.13 1.30 2.34
N ILE A 177 -21.68 1.25 1.13
CA ILE A 177 -22.43 2.39 0.60
C ILE A 177 -23.59 2.74 1.54
N ALA A 178 -24.38 1.73 1.92
CA ALA A 178 -25.52 1.98 2.80
C ALA A 178 -25.09 2.56 4.12
N GLY A 179 -23.99 2.08 4.68
CA GLY A 179 -23.54 2.53 5.98
C GLY A 179 -22.84 3.88 5.99
N LEU A 180 -22.27 4.32 4.86
CA LEU A 180 -21.46 5.51 4.86
C LEU A 180 -21.95 6.64 3.97
N ASN A 181 -22.63 6.34 2.87
CA ASN A 181 -22.94 7.41 1.94
C ASN A 181 -23.85 8.45 2.60
N GLY A 182 -23.47 9.71 2.46
CA GLY A 182 -24.26 10.80 2.99
C GLY A 182 -24.00 11.14 4.44
N MET A 183 -23.06 10.47 5.08
CA MET A 183 -22.77 10.75 6.48
C MET A 183 -22.12 12.12 6.63
N GLN A 184 -22.60 12.89 7.61
CA GLN A 184 -22.14 14.25 7.84
C GLN A 184 -21.02 14.27 8.86
N LEU A 185 -19.93 14.98 8.54
CA LEU A 185 -18.81 15.15 9.46
C LEU A 185 -18.35 16.59 9.35
N GLY A 186 -18.68 17.41 10.35
CA GLY A 186 -18.37 18.81 10.26
C GLY A 186 -19.08 19.41 9.06
N ASP A 187 -18.32 20.12 8.23
CA ASP A 187 -18.85 20.73 7.02
C ASP A 187 -18.81 19.79 5.82
N LYS A 188 -18.41 18.54 6.02
CA LYS A 188 -18.30 17.59 4.92
C LYS A 188 -19.39 16.54 5.01
N LYS A 189 -19.68 15.94 3.86
CA LYS A 189 -20.66 14.87 3.75
C LYS A 189 -20.02 13.80 2.87
N LEU A 190 -19.93 12.58 3.41
CA LEU A 190 -19.30 11.50 2.64
C LEU A 190 -20.08 11.21 1.37
N LEU A 191 -19.36 11.03 0.28
CA LEU A 191 -19.91 10.45 -0.93
C LEU A 191 -19.25 9.09 -1.10
N VAL A 192 -20.06 8.04 -1.07
CA VAL A 192 -19.60 6.67 -1.18
C VAL A 192 -20.42 6.02 -2.27
N GLN A 193 -19.76 5.69 -3.37
CA GLN A 193 -20.41 5.14 -4.55
C GLN A 193 -19.34 4.40 -5.34
N ARG A 194 -19.77 3.51 -6.23
CA ARG A 194 -18.81 2.89 -7.12
C ARG A 194 -18.08 3.99 -7.90
N ALA A 195 -16.76 3.81 -8.02
CA ALA A 195 -15.93 4.87 -8.58
C ALA A 195 -16.24 5.15 -10.04
N SER A 196 -16.81 4.19 -10.78
CA SER A 196 -17.21 4.43 -12.16
C SER A 196 -18.24 5.53 -12.27
N VAL A 197 -19.03 5.75 -11.23
CA VAL A 197 -20.15 6.70 -11.30
C VAL A 197 -19.66 8.13 -11.49
N GLY A 198 -18.62 8.54 -10.78
CA GLY A 198 -18.16 9.91 -10.84
C GLY A 198 -16.76 10.10 -11.37
N ALA A 199 -16.18 9.09 -12.00
CA ALA A 199 -14.84 9.23 -12.56
C ALA A 199 -14.88 10.24 -13.72
N LYS A 200 -13.74 10.89 -13.95
CA LYS A 200 -13.64 11.79 -15.11
C LYS A 200 -12.84 11.12 -16.21
#